data_2AU3
#
_entry.id   2AU3
#
_cell.length_a   43.222
_cell.length_b   66.403
_cell.length_c   138.157
_cell.angle_alpha   90.00
_cell.angle_beta   90.00
_cell.angle_gamma   90.00
#
_symmetry.space_group_name_H-M   'P 21 21 21'
#
loop_
_entity.id
_entity.type
_entity.pdbx_description
1 polymer 'DNA primase'
2 non-polymer 'ZINC ION'
3 water water
#
_entity_poly.entity_id   1
_entity_poly.type   'polypeptide(L)'
_entity_poly.pdbx_seq_one_letter_code
;GHMSSDIDELRREIDIVDVISEYLNLEKVGSNYRTNCPFHPDDTPSFYVSPSKQIFKCFGCGVGGDAIKFVSLYEDISYF
EAALELAKRYGKKLDLEKISKDEKVYVALDRVCDFYRESLLKNREASEYVKSRGIDPKVARKFDLGYAPSSEALVKVLKE
NDLLEAYLETKNLLSPTKGVYRDLFLRRVVIPIKDPRGRVIGFGGRRIVEDKSPKYINSPDSRVFKKGENLFGLYEAKEY
IKEEGFAILVEGYFDLLRLFSEGIRNVVAPLGTALTQNQANLLSKFTKKVYILYDGDDAGRKAMKSAIPLLLSAGVEVYP
VYLPEGYDPDEFIKEFGKEELRRLINSSGELFETLIKTARENLEEKTREFRYYLGFISDGVRRFALASEFHTKYKVPMEI
LLMKIEK
;
_entity_poly.pdbx_strand_id   A
#
# COMPACT_ATOMS: atom_id res chain seq x y z
N MET A 3 -0.78 26.24 6.64
CA MET A 3 -1.71 27.29 6.08
C MET A 3 -2.97 27.39 6.96
N SER A 4 -4.16 27.40 6.35
CA SER A 4 -5.41 27.78 7.02
C SER A 4 -6.67 27.48 6.20
N SER A 5 -7.48 26.50 6.62
CA SER A 5 -8.68 26.16 5.83
C SER A 5 -9.89 25.68 6.64
N ASP A 6 -11.08 26.17 6.28
CA ASP A 6 -12.32 25.86 6.99
C ASP A 6 -12.51 24.36 7.19
N ILE A 7 -12.22 23.60 6.14
CA ILE A 7 -12.46 22.17 6.13
C ILE A 7 -11.51 21.41 7.05
N ASP A 8 -10.24 21.80 7.07
CA ASP A 8 -9.28 21.19 7.98
C ASP A 8 -9.67 21.54 9.43
N GLU A 9 -10.00 22.80 9.66
CA GLU A 9 -10.46 23.26 10.97
C GLU A 9 -11.74 22.52 11.39
N LEU A 10 -12.64 22.31 10.45
CA LEU A 10 -13.84 21.53 10.75
C LEU A 10 -13.46 20.12 11.15
N ARG A 11 -12.60 19.48 10.37
CA ARG A 11 -12.28 18.10 10.65
C ARG A 11 -11.64 17.94 12.02
N ARG A 12 -10.74 18.85 12.39
CA ARG A 12 -10.11 18.83 13.72
C ARG A 12 -11.13 18.89 14.87
N GLU A 13 -12.15 19.71 14.71
CA GLU A 13 -13.17 19.93 15.73
C GLU A 13 -14.15 18.75 15.91
N ILE A 14 -14.41 18.00 14.83
CA ILE A 14 -15.36 16.89 14.90
C ILE A 14 -14.78 15.69 15.65
N ASP A 15 -15.60 15.02 16.44
CA ASP A 15 -15.25 13.71 16.98
C ASP A 15 -16.19 12.72 16.33
N ILE A 16 -15.65 11.80 15.55
CA ILE A 16 -16.47 10.87 14.77
C ILE A 16 -17.43 10.07 15.64
N VAL A 17 -17.03 9.77 16.88
CA VAL A 17 -17.88 9.04 17.81
C VAL A 17 -19.17 9.82 18.08
N ASP A 18 -19.06 11.10 18.40
CA ASP A 18 -20.27 11.93 18.57
C ASP A 18 -21.14 11.97 17.30
N VAL A 19 -20.55 12.13 16.13
CA VAL A 19 -21.42 12.23 14.94
C VAL A 19 -22.13 10.94 14.56
N ILE A 20 -21.44 9.80 14.59
CA ILE A 20 -22.07 8.55 14.21
C ILE A 20 -23.09 8.08 15.27
N SER A 21 -22.84 8.41 16.54
CA SER A 21 -23.76 8.03 17.63
C SER A 21 -25.14 8.68 17.50
N GLU A 22 -25.22 9.85 16.87
CA GLU A 22 -26.50 10.47 16.53
C GLU A 22 -27.36 9.56 15.64
N TYR A 23 -26.71 8.80 14.77
CA TYR A 23 -27.39 7.99 13.75
C TYR A 23 -27.54 6.55 14.20
N LEU A 24 -26.47 6.00 14.77
CA LEU A 24 -26.41 4.58 15.09
C LEU A 24 -26.29 4.27 16.60
N ASN A 25 -26.80 3.10 16.97
CA ASN A 25 -26.58 2.54 18.29
C ASN A 25 -25.20 1.91 18.36
N LEU A 26 -24.29 2.56 19.06
CA LEU A 26 -22.90 2.11 19.08
C LEU A 26 -22.65 1.39 20.39
N GLU A 27 -22.12 0.17 20.29
CA GLU A 27 -21.69 -0.59 21.47
C GLU A 27 -20.17 -0.49 21.57
N LYS A 28 -19.67 -0.23 22.78
CA LYS A 28 -18.24 -0.11 22.99
C LYS A 28 -17.64 -1.51 23.04
N VAL A 29 -16.73 -1.79 22.11
CA VAL A 29 -16.00 -3.07 22.05
C VAL A 29 -14.51 -2.73 22.15
N GLY A 30 -13.90 -3.02 23.29
CA GLY A 30 -12.53 -2.56 23.53
C GLY A 30 -12.44 -1.04 23.45
N SER A 31 -11.48 -0.55 22.64
CA SER A 31 -11.29 0.88 22.44
C SER A 31 -12.13 1.41 21.29
N ASN A 32 -12.86 0.53 20.61
CA ASN A 32 -13.63 0.88 19.44
C ASN A 32 -15.13 0.82 19.75
N TYR A 33 -15.94 1.23 18.79
CA TYR A 33 -17.39 1.01 18.83
C TYR A 33 -17.78 0.19 17.64
N ARG A 34 -18.81 -0.63 17.79
CA ARG A 34 -19.32 -1.39 16.68
C ARG A 34 -20.84 -1.40 16.69
N THR A 35 -21.41 -1.66 15.53
CA THR A 35 -22.85 -1.70 15.33
C THR A 35 -23.11 -2.40 14.00
N ASN A 36 -24.37 -2.59 13.60
CA ASN A 36 -24.63 -3.23 12.32
C ASN A 36 -24.52 -2.17 11.25
N CYS A 37 -23.97 -2.55 10.10
CA CYS A 37 -23.77 -1.59 9.01
C CYS A 37 -25.10 -1.12 8.40
N PRO A 38 -25.26 0.19 8.22
CA PRO A 38 -26.47 0.75 7.60
C PRO A 38 -26.41 0.77 6.07
N PHE A 39 -25.27 0.35 5.51
CA PHE A 39 -25.03 0.49 4.07
C PHE A 39 -25.04 -0.87 3.32
N HIS A 40 -24.76 -1.94 4.05
CA HIS A 40 -24.92 -3.30 3.54
C HIS A 40 -25.61 -4.16 4.60
N PRO A 41 -26.24 -5.26 4.21
CA PRO A 41 -26.97 -6.08 5.17
C PRO A 41 -26.27 -7.34 5.67
N ASP A 42 -25.55 -7.31 6.78
CA ASP A 42 -25.28 -8.60 7.45
C ASP A 42 -25.54 -8.81 8.94
N ASP A 43 -25.91 -10.08 9.16
CA ASP A 43 -26.32 -10.71 10.41
C ASP A 43 -25.56 -10.33 11.68
N THR A 44 -24.31 -9.91 11.52
CA THR A 44 -23.39 -9.72 12.63
C THR A 44 -22.76 -8.34 12.51
N PRO A 45 -22.76 -7.55 13.60
CA PRO A 45 -22.20 -6.19 13.53
C PRO A 45 -20.75 -6.19 13.02
N SER A 46 -20.52 -5.53 11.89
CA SER A 46 -19.21 -5.54 11.23
C SER A 46 -18.68 -4.14 10.98
N PHE A 47 -19.40 -3.14 11.49
CA PHE A 47 -19.14 -1.73 11.23
C PHE A 47 -18.51 -1.11 12.46
N TYR A 48 -17.26 -0.68 12.32
CA TYR A 48 -16.46 -0.23 13.46
C TYR A 48 -16.12 1.25 13.37
N VAL A 49 -16.11 1.90 14.53
CA VAL A 49 -15.71 3.29 14.64
C VAL A 49 -14.54 3.35 15.59
N SER A 50 -13.41 3.88 15.14
CA SER A 50 -12.22 3.96 15.98
C SER A 50 -12.08 5.39 16.48
N PRO A 51 -12.23 5.62 17.78
CA PRO A 51 -11.92 6.94 18.33
C PRO A 51 -10.46 7.36 18.08
N SER A 52 -9.50 6.42 18.03
CA SER A 52 -8.09 6.83 17.94
C SER A 52 -7.66 7.15 16.49
N LYS A 53 -8.32 6.52 15.53
CA LYS A 53 -8.03 6.80 14.12
C LYS A 53 -9.00 7.84 13.55
N GLN A 54 -10.14 8.01 14.21
CA GLN A 54 -11.17 8.99 13.80
C GLN A 54 -11.75 8.63 12.43
N ILE A 55 -11.88 7.33 12.18
CA ILE A 55 -12.47 6.82 10.95
C ILE A 55 -13.46 5.73 11.32
N PHE A 56 -14.28 5.34 10.36
CA PHE A 56 -15.13 4.17 10.51
C PHE A 56 -14.67 3.22 9.42
N LYS A 57 -14.97 1.94 9.57
CA LYS A 57 -14.66 0.95 8.52
C LYS A 57 -15.58 -0.23 8.72
N CYS A 58 -16.31 -0.58 7.67
CA CYS A 58 -17.12 -1.79 7.71
C CYS A 58 -16.34 -3.01 7.27
N PHE A 59 -16.19 -3.98 8.16
CA PHE A 59 -15.52 -5.24 7.81
C PHE A 59 -16.44 -6.14 7.01
N GLY A 60 -17.66 -5.69 6.76
CA GLY A 60 -18.60 -6.48 5.99
C GLY A 60 -18.63 -6.12 4.52
N CYS A 61 -18.71 -4.82 4.22
CA CYS A 61 -18.69 -4.36 2.85
C CYS A 61 -17.44 -3.55 2.48
N GLY A 62 -16.67 -3.13 3.47
CA GLY A 62 -15.42 -2.42 3.21
C GLY A 62 -15.53 -0.90 3.13
N VAL A 63 -16.75 -0.38 3.17
CA VAL A 63 -16.95 1.07 3.27
C VAL A 63 -16.19 1.63 4.49
N GLY A 64 -15.55 2.77 4.31
CA GLY A 64 -14.77 3.38 5.37
C GLY A 64 -14.54 4.85 5.09
N GLY A 65 -14.19 5.58 6.14
CA GLY A 65 -13.85 6.99 5.97
C GLY A 65 -13.97 7.81 7.25
N ASP A 66 -13.95 9.13 7.09
CA ASP A 66 -14.06 10.03 8.24
C ASP A 66 -15.53 10.34 8.57
N ALA A 67 -15.71 11.23 9.54
CA ALA A 67 -17.04 11.58 10.01
C ALA A 67 -17.89 12.28 8.94
N ILE A 68 -17.31 13.25 8.23
CA ILE A 68 -18.04 13.93 7.18
C ILE A 68 -18.54 12.92 6.13
N LYS A 69 -17.65 12.00 5.78
CA LYS A 69 -17.96 11.00 4.78
C LYS A 69 -19.11 10.09 5.26
N PHE A 70 -19.12 9.73 6.54
CA PHE A 70 -20.27 8.96 7.05
C PHE A 70 -21.59 9.70 6.78
N VAL A 71 -21.64 10.98 7.13
CA VAL A 71 -22.87 11.76 6.95
C VAL A 71 -23.24 11.82 5.48
N SER A 72 -22.23 12.03 4.62
CA SER A 72 -22.44 12.03 3.17
C SER A 72 -23.14 10.76 2.70
N LEU A 73 -22.70 9.63 3.24
CA LEU A 73 -23.27 8.36 2.81
C LEU A 73 -24.64 8.15 3.44
N TYR A 74 -24.77 8.42 4.73
CA TYR A 74 -26.06 8.30 5.39
C TYR A 74 -27.13 9.20 4.75
N GLU A 75 -26.79 10.45 4.45
CA GLU A 75 -27.80 11.39 3.96
C GLU A 75 -27.94 11.41 2.43
N ASP A 76 -27.08 10.64 1.77
CA ASP A 76 -27.01 10.61 0.30
C ASP A 76 -26.76 12.01 -0.27
N ILE A 77 -25.72 12.66 0.22
CA ILE A 77 -25.29 13.99 -0.24
C ILE A 77 -23.79 13.95 -0.48
N SER A 78 -23.28 15.02 -1.07
CA SER A 78 -21.86 15.08 -1.37
C SER A 78 -21.05 15.27 -0.10
N TYR A 79 -19.79 14.88 -0.17
CA TYR A 79 -18.88 15.08 0.94
C TYR A 79 -18.97 16.52 1.47
N PHE A 80 -18.85 17.51 0.58
CA PHE A 80 -18.87 18.91 1.00
C PHE A 80 -20.23 19.46 1.43
N GLU A 81 -21.30 18.92 0.84
CA GLU A 81 -22.64 19.09 1.40
C GLU A 81 -22.72 18.59 2.86
N ALA A 82 -22.18 17.41 3.12
CA ALA A 82 -22.14 16.85 4.48
C ALA A 82 -21.28 17.71 5.37
N ALA A 83 -20.15 18.18 4.83
CA ALA A 83 -19.28 19.11 5.55
C ALA A 83 -20.06 20.37 6.02
N LEU A 84 -20.90 20.91 5.15
CA LEU A 84 -21.65 22.12 5.48
C LEU A 84 -22.67 21.84 6.57
N GLU A 85 -23.31 20.68 6.50
CA GLU A 85 -24.28 20.30 7.50
C GLU A 85 -23.63 20.15 8.88
N LEU A 86 -22.44 19.53 8.92
CA LEU A 86 -21.69 19.37 10.17
C LEU A 86 -21.13 20.70 10.69
N ALA A 87 -20.70 21.57 9.79
CA ALA A 87 -20.17 22.87 10.19
C ALA A 87 -21.24 23.69 10.94
N LYS A 88 -22.47 23.63 10.46
CA LYS A 88 -23.59 24.28 11.15
C LYS A 88 -23.80 23.68 12.56
N ARG A 89 -23.80 22.35 12.65
CA ARG A 89 -23.93 21.68 13.96
C ARG A 89 -22.81 22.04 14.94
N TYR A 90 -21.63 22.36 14.42
CA TYR A 90 -20.48 22.59 15.28
C TYR A 90 -20.18 24.07 15.46
N GLY A 91 -20.89 24.94 14.74
CA GLY A 91 -20.66 26.38 14.85
C GLY A 91 -19.33 26.79 14.26
N LYS A 92 -18.95 26.11 13.19
CA LYS A 92 -17.72 26.43 12.47
C LYS A 92 -18.12 26.97 11.11
N LYS A 93 -17.29 27.85 10.57
CA LYS A 93 -17.55 28.45 9.29
C LYS A 93 -17.11 27.48 8.18
N LEU A 94 -17.83 27.49 7.07
CA LEU A 94 -17.41 26.77 5.86
C LEU A 94 -18.07 27.36 4.62
N ASP A 95 -17.34 28.22 3.91
CA ASP A 95 -17.80 28.77 2.64
C ASP A 95 -17.35 27.86 1.52
N LEU A 96 -18.30 27.26 0.82
CA LEU A 96 -18.00 26.24 -0.21
C LEU A 96 -17.22 26.81 -1.38
N GLU A 97 -17.16 28.14 -1.46
CA GLU A 97 -16.41 28.85 -2.49
C GLU A 97 -14.93 28.95 -2.18
N LYS A 98 -14.59 28.84 -0.90
CA LYS A 98 -13.20 28.89 -0.47
C LYS A 98 -12.57 27.50 -0.40
N ILE A 99 -13.34 26.46 -0.71
CA ILE A 99 -12.79 25.10 -0.73
C ILE A 99 -11.76 24.98 -1.84
N SER A 100 -10.51 24.74 -1.47
CA SER A 100 -9.44 24.65 -2.45
C SER A 100 -9.62 23.44 -3.39
N LYS A 101 -9.20 23.60 -4.63
CA LYS A 101 -9.16 22.48 -5.59
C LYS A 101 -8.37 21.33 -5.00
N ASP A 102 -7.26 21.68 -4.39
CA ASP A 102 -6.39 20.78 -3.69
C ASP A 102 -7.15 19.80 -2.79
N GLU A 103 -7.96 20.34 -1.87
CA GLU A 103 -8.86 19.56 -1.04
C GLU A 103 -9.81 18.68 -1.88
N LYS A 104 -10.32 19.23 -2.99
CA LYS A 104 -11.29 18.51 -3.81
C LYS A 104 -10.65 17.33 -4.50
N VAL A 105 -9.39 17.47 -4.91
CA VAL A 105 -8.64 16.36 -5.51
C VAL A 105 -8.68 15.10 -4.60
N TYR A 106 -8.33 15.28 -3.33
CA TYR A 106 -8.30 14.17 -2.39
C TYR A 106 -9.69 13.61 -2.16
N VAL A 107 -10.68 14.49 -2.13
CA VAL A 107 -12.04 14.04 -1.95
C VAL A 107 -12.50 13.26 -3.18
N ALA A 108 -12.05 13.68 -4.37
CA ALA A 108 -12.40 13.00 -5.61
C ALA A 108 -11.74 11.63 -5.67
N LEU A 109 -10.44 11.59 -5.38
CA LEU A 109 -9.73 10.32 -5.31
C LEU A 109 -10.49 9.33 -4.43
N ASP A 110 -10.99 9.81 -3.30
CA ASP A 110 -11.65 8.95 -2.34
C ASP A 110 -13.04 8.52 -2.82
N ARG A 111 -13.77 9.43 -3.44
CA ARG A 111 -15.08 9.11 -3.98
C ARG A 111 -14.98 8.12 -5.15
N VAL A 112 -13.94 8.27 -5.94
CA VAL A 112 -13.71 7.39 -7.07
C VAL A 112 -13.32 5.99 -6.55
N CYS A 113 -12.56 5.96 -5.48
CA CYS A 113 -12.27 4.69 -4.80
C CYS A 113 -13.56 3.96 -4.39
N ASP A 114 -14.52 4.69 -3.82
CA ASP A 114 -15.80 4.12 -3.39
C ASP A 114 -16.61 3.60 -4.56
N PHE A 115 -16.52 4.30 -5.68
CA PHE A 115 -17.21 3.92 -6.91
C PHE A 115 -16.70 2.57 -7.43
N TYR A 116 -15.38 2.46 -7.51
CA TYR A 116 -14.72 1.21 -7.94
C TYR A 116 -15.01 0.04 -6.99
N ARG A 117 -14.96 0.30 -5.69
CA ARG A 117 -15.30 -0.72 -4.68
C ARG A 117 -16.71 -1.24 -4.91
N GLU A 118 -17.67 -0.33 -5.06
CA GLU A 118 -19.06 -0.73 -5.31
C GLU A 118 -19.14 -1.52 -6.61
N SER A 119 -18.36 -1.10 -7.59
CA SER A 119 -18.40 -1.70 -8.90
C SER A 119 -17.85 -3.13 -8.86
N LEU A 120 -16.84 -3.37 -8.03
CA LEU A 120 -16.28 -4.71 -7.92
C LEU A 120 -17.34 -5.65 -7.32
N LEU A 121 -17.99 -5.21 -6.23
CA LEU A 121 -19.03 -6.00 -5.58
C LEU A 121 -20.16 -6.39 -6.54
N LYS A 122 -20.49 -5.49 -7.47
CA LYS A 122 -21.57 -5.69 -8.42
C LYS A 122 -21.21 -6.54 -9.63
N ASN A 123 -19.92 -6.65 -9.96
CA ASN A 123 -19.49 -7.42 -11.12
C ASN A 123 -19.01 -8.80 -10.71
N ARG A 124 -19.73 -9.82 -11.16
CA ARG A 124 -19.45 -11.19 -10.74
C ARG A 124 -18.12 -11.72 -11.25
N GLU A 125 -17.76 -11.36 -12.49
CA GLU A 125 -16.52 -11.83 -13.09
C GLU A 125 -15.30 -11.25 -12.40
N ALA A 126 -15.30 -9.92 -12.19
CA ALA A 126 -14.22 -9.28 -11.49
C ALA A 126 -14.04 -9.87 -10.08
N SER A 127 -15.14 -10.04 -9.35
CA SER A 127 -15.08 -10.50 -7.96
C SER A 127 -14.53 -11.92 -7.93
N GLU A 128 -15.11 -12.80 -8.75
CA GLU A 128 -14.62 -14.17 -8.83
C GLU A 128 -13.19 -14.22 -9.29
N TYR A 129 -12.81 -13.33 -10.21
CA TYR A 129 -11.42 -13.30 -10.65
C TYR A 129 -10.52 -13.11 -9.45
N VAL A 130 -10.72 -11.99 -8.75
CA VAL A 130 -9.87 -11.63 -7.60
C VAL A 130 -9.76 -12.80 -6.64
N LYS A 131 -10.91 -13.40 -6.36
CA LYS A 131 -10.99 -14.54 -5.43
C LYS A 131 -10.22 -15.71 -5.98
N SER A 132 -10.38 -15.96 -7.28
CA SER A 132 -9.72 -17.11 -7.92
C SER A 132 -8.20 -17.00 -7.85
N ARG A 133 -7.70 -15.78 -7.73
CA ARG A 133 -6.25 -15.53 -7.62
C ARG A 133 -5.70 -15.66 -6.18
N GLY A 134 -6.52 -16.12 -5.24
CA GLY A 134 -6.05 -16.35 -3.89
C GLY A 134 -6.09 -15.14 -2.95
N ILE A 135 -6.76 -14.07 -3.37
CA ILE A 135 -6.97 -12.93 -2.46
C ILE A 135 -8.20 -13.11 -1.61
N ASP A 136 -8.02 -13.04 -0.31
CA ASP A 136 -9.12 -13.22 0.61
C ASP A 136 -10.09 -12.03 0.54
N PRO A 137 -11.40 -12.29 0.51
CA PRO A 137 -12.41 -11.21 0.48
C PRO A 137 -12.21 -10.22 1.63
N LYS A 138 -11.76 -10.68 2.79
CA LYS A 138 -11.51 -9.73 3.89
C LYS A 138 -10.38 -8.77 3.52
N VAL A 139 -9.34 -9.29 2.86
CA VAL A 139 -8.21 -8.45 2.39
C VAL A 139 -8.67 -7.55 1.24
N ALA A 140 -9.49 -8.09 0.31
CA ALA A 140 -9.98 -7.29 -0.81
C ALA A 140 -10.71 -6.04 -0.28
N ARG A 141 -11.50 -6.22 0.78
CA ARG A 141 -12.22 -5.12 1.42
C ARG A 141 -11.33 -4.16 2.22
N LYS A 142 -10.39 -4.73 2.99
CA LYS A 142 -9.42 -3.90 3.72
C LYS A 142 -8.67 -2.95 2.81
N PHE A 143 -8.22 -3.49 1.68
CA PHE A 143 -7.41 -2.76 0.72
C PHE A 143 -8.22 -1.97 -0.31
N ASP A 144 -9.55 -2.03 -0.20
CA ASP A 144 -10.45 -1.21 -1.02
C ASP A 144 -10.33 -1.56 -2.52
N LEU A 145 -10.11 -2.83 -2.82
CA LEU A 145 -10.06 -3.30 -4.19
C LEU A 145 -11.32 -2.95 -4.93
N GLY A 146 -11.14 -2.62 -6.21
CA GLY A 146 -12.27 -2.25 -7.02
C GLY A 146 -12.22 -2.77 -8.44
N TYR A 147 -13.09 -2.20 -9.26
CA TYR A 147 -13.24 -2.52 -10.66
C TYR A 147 -13.76 -1.29 -11.36
N ALA A 148 -13.25 -1.02 -12.56
CA ALA A 148 -13.68 0.13 -13.38
C ALA A 148 -14.57 -0.34 -14.51
N PRO A 149 -15.89 -0.30 -14.32
CA PRO A 149 -16.83 -0.87 -15.30
C PRO A 149 -17.21 0.06 -16.43
N SER A 150 -17.08 1.37 -16.28
CA SER A 150 -17.70 2.30 -17.22
C SER A 150 -17.13 3.70 -17.02
N SER A 151 -16.72 4.35 -18.11
CA SER A 151 -16.30 5.73 -18.04
C SER A 151 -17.49 6.66 -17.75
N GLU A 152 -18.61 6.42 -18.43
CA GLU A 152 -19.79 7.26 -18.25
C GLU A 152 -20.35 7.19 -16.82
N ALA A 153 -20.33 5.99 -16.22
CA ALA A 153 -20.75 5.83 -14.82
C ALA A 153 -19.86 6.66 -13.89
N LEU A 154 -18.54 6.56 -14.06
CA LEU A 154 -17.57 7.32 -13.26
C LEU A 154 -17.79 8.83 -13.44
N VAL A 155 -17.90 9.26 -14.70
CA VAL A 155 -18.07 10.70 -14.98
C VAL A 155 -19.34 11.24 -14.32
N LYS A 156 -20.43 10.48 -14.39
CA LYS A 156 -21.68 10.87 -13.77
C LYS A 156 -21.54 11.08 -12.26
N VAL A 157 -20.82 10.19 -11.56
CA VAL A 157 -20.65 10.38 -10.12
C VAL A 157 -19.80 11.61 -9.83
N LEU A 158 -18.81 11.83 -10.67
CA LEU A 158 -17.91 12.96 -10.51
C LEU A 158 -18.68 14.28 -10.68
N LYS A 159 -19.40 14.39 -11.80
CA LYS A 159 -20.23 15.56 -12.08
C LYS A 159 -21.28 15.78 -10.98
N GLU A 160 -21.99 14.71 -10.59
CA GLU A 160 -23.00 14.77 -9.53
C GLU A 160 -22.44 15.31 -8.20
N ASN A 161 -21.16 15.00 -7.94
CA ASN A 161 -20.50 15.37 -6.70
C ASN A 161 -19.65 16.63 -6.84
N ASP A 162 -19.62 17.15 -8.07
CA ASP A 162 -18.95 18.40 -8.39
C ASP A 162 -17.44 18.25 -8.23
N LEU A 163 -16.93 17.09 -8.65
CA LEU A 163 -15.56 16.69 -8.39
C LEU A 163 -14.78 16.43 -9.68
N LEU A 164 -15.42 16.63 -10.84
CA LEU A 164 -14.78 16.28 -12.12
C LEU A 164 -13.51 17.09 -12.40
N GLU A 165 -13.62 18.39 -12.23
CA GLU A 165 -12.51 19.28 -12.52
C GLU A 165 -11.33 19.01 -11.59
N ALA A 166 -11.60 18.83 -10.30
CA ALA A 166 -10.55 18.39 -9.39
C ALA A 166 -9.95 17.06 -9.83
N TYR A 167 -10.80 16.09 -10.19
CA TYR A 167 -10.30 14.77 -10.53
C TYR A 167 -9.38 14.79 -11.75
N LEU A 168 -9.65 15.72 -12.68
CA LEU A 168 -8.88 15.86 -13.91
C LEU A 168 -7.42 16.20 -13.64
N GLU A 169 -7.16 16.91 -12.55
CA GLU A 169 -5.79 17.16 -12.11
C GLU A 169 -4.99 15.88 -11.77
N THR A 170 -5.65 14.75 -11.57
CA THR A 170 -4.94 13.48 -11.27
C THR A 170 -4.41 12.78 -12.52
N LYS A 171 -4.97 13.13 -13.67
CA LYS A 171 -4.70 12.46 -14.95
C LYS A 171 -5.16 10.99 -15.00
N ASN A 172 -6.08 10.64 -14.12
CA ASN A 172 -6.68 9.31 -14.12
C ASN A 172 -7.82 9.22 -15.10
N LEU A 173 -8.07 10.34 -15.79
CA LEU A 173 -9.10 10.46 -16.80
C LEU A 173 -8.51 10.98 -18.12
N LEU A 174 -8.73 10.23 -19.20
CA LEU A 174 -8.38 10.66 -20.54
C LEU A 174 -9.55 11.43 -21.16
N SER A 175 -9.25 12.35 -22.08
CA SER A 175 -10.25 12.98 -22.93
C SER A 175 -9.91 12.77 -24.41
N PRO A 176 -10.55 11.77 -25.02
CA PRO A 176 -10.39 11.48 -26.46
C PRO A 176 -10.98 12.59 -27.35
N THR A 177 -12.17 13.09 -26.99
CA THR A 177 -12.75 14.29 -27.63
C THR A 177 -13.26 15.29 -26.57
N LYS A 178 -13.40 16.55 -27.00
CA LYS A 178 -13.78 17.64 -26.09
C LYS A 178 -15.01 17.30 -25.23
N GLY A 179 -14.83 17.45 -23.91
CA GLY A 179 -15.90 17.18 -22.96
C GLY A 179 -16.41 15.75 -22.95
N VAL A 180 -15.58 14.81 -23.41
CA VAL A 180 -15.89 13.37 -23.27
C VAL A 180 -14.69 12.68 -22.65
N TYR A 181 -14.96 11.71 -21.75
CA TYR A 181 -13.91 11.14 -20.92
C TYR A 181 -13.85 9.60 -20.97
N ARG A 182 -12.63 9.09 -20.93
CA ARG A 182 -12.41 7.68 -20.77
C ARG A 182 -11.52 7.42 -19.56
N ASP A 183 -11.99 6.54 -18.70
CA ASP A 183 -11.29 6.14 -17.50
C ASP A 183 -10.01 5.46 -17.90
N LEU A 184 -8.90 5.95 -17.39
CA LEU A 184 -7.61 5.30 -17.62
C LEU A 184 -7.62 3.81 -17.22
N PHE A 185 -8.37 3.49 -16.18
CA PHE A 185 -8.41 2.14 -15.60
C PHE A 185 -9.55 1.27 -16.12
N LEU A 186 -10.27 1.77 -17.14
CA LEU A 186 -11.44 1.05 -17.68
C LEU A 186 -11.22 -0.45 -17.82
N ARG A 187 -12.13 -1.24 -17.24
CA ARG A 187 -12.14 -2.69 -17.38
C ARG A 187 -11.09 -3.40 -16.53
N ARG A 188 -10.40 -2.68 -15.66
CA ARG A 188 -9.35 -3.28 -14.83
C ARG A 188 -9.82 -3.48 -13.41
N VAL A 189 -9.23 -4.45 -12.73
CA VAL A 189 -9.37 -4.57 -11.28
C VAL A 189 -8.48 -3.47 -10.73
N VAL A 190 -9.02 -2.65 -9.85
CA VAL A 190 -8.37 -1.46 -9.40
C VAL A 190 -7.80 -1.73 -8.01
N ILE A 191 -6.54 -1.34 -7.82
CA ILE A 191 -5.89 -1.45 -6.52
C ILE A 191 -5.50 -0.04 -6.08
N PRO A 192 -6.25 0.52 -5.14
CA PRO A 192 -5.98 1.88 -4.68
C PRO A 192 -4.60 1.96 -4.07
N ILE A 193 -3.93 3.07 -4.35
CA ILE A 193 -2.62 3.36 -3.82
C ILE A 193 -2.79 4.44 -2.78
N LYS A 194 -2.37 4.14 -1.55
CA LYS A 194 -2.50 5.07 -0.43
C LYS A 194 -1.16 5.59 0.01
N ASP A 195 -1.11 6.84 0.48
CA ASP A 195 0.11 7.33 1.09
C ASP A 195 0.30 6.68 2.47
N PRO A 196 1.44 6.87 3.13
CA PRO A 196 1.68 6.22 4.44
C PRO A 196 0.61 6.54 5.51
N ARG A 197 -0.18 7.61 5.32
CA ARG A 197 -1.25 7.94 6.26
C ARG A 197 -2.65 7.45 5.83
N GLY A 198 -2.72 6.68 4.74
CA GLY A 198 -3.97 6.10 4.35
C GLY A 198 -4.79 6.90 3.37
N ARG A 199 -4.28 8.03 2.87
CA ARG A 199 -5.04 8.79 1.88
C ARG A 199 -4.84 8.18 0.53
N VAL A 200 -5.94 7.92 -0.16
CA VAL A 200 -5.86 7.43 -1.53
C VAL A 200 -5.24 8.54 -2.39
N ILE A 201 -4.11 8.23 -3.03
CA ILE A 201 -3.44 9.20 -3.87
C ILE A 201 -3.47 8.83 -5.35
N GLY A 202 -3.97 7.63 -5.65
CA GLY A 202 -4.07 7.13 -7.02
C GLY A 202 -4.41 5.67 -7.04
N PHE A 203 -4.20 5.05 -8.21
CA PHE A 203 -4.56 3.64 -8.44
C PHE A 203 -3.54 2.90 -9.28
N GLY A 204 -3.43 1.60 -9.02
CA GLY A 204 -2.98 0.62 -9.99
C GLY A 204 -4.19 -0.12 -10.58
N GLY A 205 -4.05 -0.60 -11.81
CA GLY A 205 -5.09 -1.35 -12.47
C GLY A 205 -4.49 -2.55 -13.17
N ARG A 206 -5.06 -3.71 -12.88
CA ARG A 206 -4.61 -4.99 -13.46
C ARG A 206 -5.63 -5.36 -14.51
N ARG A 207 -5.25 -5.47 -15.77
CA ARG A 207 -6.30 -5.80 -16.73
C ARG A 207 -6.72 -7.28 -16.65
N ILE A 208 -8.01 -7.54 -16.83
CA ILE A 208 -8.56 -8.89 -16.74
C ILE A 208 -9.12 -9.34 -18.09
N VAL A 209 -9.15 -8.43 -19.05
CA VAL A 209 -9.50 -8.80 -20.43
C VAL A 209 -8.25 -8.89 -21.30
N GLU A 210 -8.34 -9.62 -22.42
CA GLU A 210 -7.29 -9.70 -23.43
C GLU A 210 -7.24 -8.45 -24.30
N ASP A 211 -6.07 -7.81 -24.33
CA ASP A 211 -5.91 -6.46 -24.87
C ASP A 211 -4.43 -6.26 -25.24
N LYS A 212 -4.16 -5.24 -26.06
CA LYS A 212 -2.77 -4.89 -26.40
C LYS A 212 -2.05 -4.15 -25.25
N SER A 213 -2.81 -3.49 -24.37
CA SER A 213 -2.27 -2.66 -23.28
C SER A 213 -1.48 -3.45 -22.26
N PRO A 214 -0.65 -2.77 -21.44
CA PRO A 214 0.09 -3.43 -20.36
C PRO A 214 -0.85 -4.12 -19.41
N LYS A 215 -0.37 -5.19 -18.80
CA LYS A 215 -1.17 -5.96 -17.87
C LYS A 215 -1.45 -5.11 -16.62
N TYR A 216 -0.50 -4.25 -16.27
CA TYR A 216 -0.62 -3.38 -15.10
C TYR A 216 -0.29 -1.93 -15.44
N ILE A 217 -1.16 -1.01 -15.00
CA ILE A 217 -0.84 0.41 -15.10
C ILE A 217 -1.07 1.14 -13.78
N ASN A 218 -0.38 2.25 -13.60
CA ASN A 218 -0.54 3.12 -12.43
C ASN A 218 -1.05 4.45 -12.90
N SER A 219 -1.60 5.22 -11.97
CA SER A 219 -1.81 6.63 -12.16
C SER A 219 -0.47 7.27 -12.66
N PRO A 220 -0.55 8.22 -13.57
CA PRO A 220 0.67 8.91 -14.01
C PRO A 220 1.17 9.84 -12.88
N ASP A 221 2.46 10.17 -12.84
CA ASP A 221 2.93 11.05 -11.76
C ASP A 221 2.26 12.41 -11.86
N SER A 222 2.13 13.07 -10.72
CA SER A 222 1.44 14.34 -10.66
C SER A 222 1.77 14.97 -9.33
N ARG A 223 1.14 16.11 -9.04
CA ARG A 223 1.31 16.73 -7.73
C ARG A 223 0.97 15.78 -6.58
N VAL A 224 -0.13 15.05 -6.70
CA VAL A 224 -0.65 14.23 -5.61
C VAL A 224 0.01 12.84 -5.56
N PHE A 225 0.44 12.33 -6.72
CA PHE A 225 0.93 10.94 -6.82
C PHE A 225 2.37 10.86 -7.37
N LYS A 226 3.31 10.38 -6.56
CA LYS A 226 4.66 10.08 -7.06
C LYS A 226 5.00 8.63 -6.74
N LYS A 227 5.05 7.81 -7.79
CA LYS A 227 5.22 6.36 -7.59
C LYS A 227 6.53 6.03 -6.89
N GLY A 228 7.58 6.77 -7.23
CA GLY A 228 8.90 6.54 -6.68
C GLY A 228 9.09 6.90 -5.22
N GLU A 229 8.07 7.50 -4.61
CA GLU A 229 8.17 8.02 -3.25
C GLU A 229 7.21 7.34 -2.25
N ASN A 230 6.45 6.36 -2.74
CA ASN A 230 5.44 5.67 -1.95
C ASN A 230 5.63 4.15 -1.97
N LEU A 231 5.18 3.47 -0.92
CA LEU A 231 5.21 2.01 -0.91
C LEU A 231 3.80 1.48 -0.78
N PHE A 232 3.43 0.58 -1.67
CA PHE A 232 2.17 -0.11 -1.51
C PHE A 232 2.14 -0.88 -0.20
N GLY A 233 1.03 -0.74 0.53
CA GLY A 233 0.82 -1.47 1.74
C GLY A 233 1.38 -0.83 3.01
N LEU A 234 2.16 0.25 2.88
CA LEU A 234 2.75 0.85 4.08
C LEU A 234 1.70 1.24 5.15
N TYR A 235 0.62 1.88 4.71
CA TYR A 235 -0.42 2.30 5.63
C TYR A 235 -0.98 1.08 6.37
N GLU A 236 -1.26 0.02 5.63
CA GLU A 236 -1.79 -1.19 6.23
C GLU A 236 -0.76 -1.98 7.06
N ALA A 237 0.52 -1.86 6.71
CA ALA A 237 1.58 -2.69 7.28
C ALA A 237 2.25 -2.08 8.52
N LYS A 238 2.18 -0.76 8.67
CA LYS A 238 3.17 -0.08 9.52
C LYS A 238 3.07 -0.50 11.00
N GLU A 239 1.85 -0.79 11.46
CA GLU A 239 1.69 -1.23 12.85
C GLU A 239 2.28 -2.66 13.04
N TYR A 240 2.14 -3.52 12.05
CA TYR A 240 2.77 -4.85 12.11
C TYR A 240 4.28 -4.81 12.01
N ILE A 241 4.79 -3.98 11.10
CA ILE A 241 6.24 -3.77 10.96
C ILE A 241 6.88 -3.31 12.31
N LYS A 242 6.24 -2.34 12.96
CA LYS A 242 6.70 -1.86 14.27
C LYS A 242 6.67 -2.96 15.34
N GLU A 243 5.53 -3.64 15.43
CA GLU A 243 5.34 -4.69 16.40
C GLU A 243 6.35 -5.83 16.19
N GLU A 244 6.54 -6.25 14.94
CA GLU A 244 7.41 -7.42 14.65
C GLU A 244 8.92 -7.10 14.58
N GLY A 245 9.24 -5.84 14.35
CA GLY A 245 10.64 -5.44 14.32
C GLY A 245 11.30 -5.67 12.97
N PHE A 246 10.51 -6.01 11.96
CA PHE A 246 11.03 -6.09 10.60
C PHE A 246 9.91 -5.93 9.57
N ALA A 247 10.29 -5.71 8.33
CA ALA A 247 9.35 -5.64 7.24
C ALA A 247 9.72 -6.72 6.24
N ILE A 248 8.74 -7.19 5.46
CA ILE A 248 9.01 -8.08 4.35
C ILE A 248 8.77 -7.27 3.07
N LEU A 249 9.75 -7.22 2.16
CA LEU A 249 9.59 -6.56 0.88
C LEU A 249 9.34 -7.56 -0.21
N VAL A 250 8.19 -7.44 -0.87
CA VAL A 250 7.84 -8.30 -2.00
C VAL A 250 7.80 -7.43 -3.24
N GLU A 251 7.69 -8.04 -4.43
CA GLU A 251 7.89 -7.28 -5.68
C GLU A 251 6.73 -6.40 -6.09
N GLY A 252 5.51 -6.87 -5.88
CA GLY A 252 4.34 -6.16 -6.40
C GLY A 252 3.10 -6.35 -5.54
N TYR A 253 1.98 -5.73 -5.98
CA TYR A 253 0.76 -5.67 -5.17
C TYR A 253 0.14 -7.07 -4.95
N PHE A 254 0.19 -7.93 -5.96
CA PHE A 254 -0.46 -9.23 -5.88
C PHE A 254 0.28 -10.09 -4.83
N ASP A 255 1.60 -10.06 -4.83
CA ASP A 255 2.34 -10.80 -3.78
C ASP A 255 1.97 -10.27 -2.41
N LEU A 256 1.78 -8.96 -2.30
CA LEU A 256 1.51 -8.38 -1.00
C LEU A 256 0.12 -8.83 -0.55
N LEU A 257 -0.86 -8.72 -1.46
CA LEU A 257 -2.24 -9.04 -1.13
C LEU A 257 -2.37 -10.49 -0.72
N ARG A 258 -1.57 -11.35 -1.35
CA ARG A 258 -1.53 -12.78 -1.02
C ARG A 258 -0.95 -13.02 0.36
N LEU A 259 0.20 -12.43 0.67
CA LEU A 259 0.78 -12.60 2.02
C LEU A 259 -0.17 -12.10 3.10
N PHE A 260 -0.79 -10.93 2.86
CA PHE A 260 -1.80 -10.38 3.79
C PHE A 260 -3.02 -11.33 3.91
N SER A 261 -3.43 -11.93 2.81
CA SER A 261 -4.47 -12.97 2.83
C SER A 261 -4.11 -14.13 3.72
N GLU A 262 -2.82 -14.37 3.91
CA GLU A 262 -2.39 -15.50 4.71
C GLU A 262 -1.96 -15.07 6.10
N GLY A 263 -2.30 -13.83 6.47
CA GLY A 263 -1.97 -13.29 7.79
C GLY A 263 -0.52 -12.84 7.99
N ILE A 264 0.19 -12.59 6.90
CA ILE A 264 1.55 -12.08 6.99
C ILE A 264 1.44 -10.61 6.63
N ARG A 265 1.47 -9.73 7.62
CA ARG A 265 0.93 -8.40 7.40
C ARG A 265 1.96 -7.27 7.47
N ASN A 266 3.21 -7.63 7.81
CA ASN A 266 4.26 -6.61 7.92
C ASN A 266 5.02 -6.56 6.60
N VAL A 267 4.29 -6.27 5.53
CA VAL A 267 4.72 -6.45 4.12
C VAL A 267 4.48 -5.16 3.36
N VAL A 268 5.45 -4.79 2.50
CA VAL A 268 5.35 -3.63 1.60
C VAL A 268 5.82 -4.05 0.23
N ALA A 269 5.50 -3.24 -0.78
CA ALA A 269 5.98 -3.51 -2.13
C ALA A 269 6.25 -2.20 -2.84
N PRO A 270 7.22 -2.16 -3.78
CA PRO A 270 7.51 -0.94 -4.55
C PRO A 270 6.32 -0.55 -5.41
N LEU A 271 6.16 0.72 -5.67
CA LEU A 271 5.00 1.10 -6.42
C LEU A 271 5.26 0.83 -7.86
N GLY A 272 4.40 -0.02 -8.39
CA GLY A 272 4.51 -0.46 -9.76
C GLY A 272 5.73 -1.34 -10.01
N THR A 273 6.95 -0.83 -9.74
CA THR A 273 8.18 -1.38 -10.32
C THR A 273 9.30 -1.80 -9.33
N ALA A 274 10.57 -1.56 -9.76
CA ALA A 274 11.75 -1.77 -8.90
C ALA A 274 11.83 -0.78 -7.73
N LEU A 275 12.26 -1.28 -6.59
CA LEU A 275 12.44 -0.44 -5.43
C LEU A 275 13.35 0.75 -5.82
N THR A 276 12.98 1.95 -5.36
CA THR A 276 13.82 3.13 -5.56
C THR A 276 14.48 3.49 -4.26
N GLN A 277 15.52 4.31 -4.33
CA GLN A 277 16.14 4.86 -3.12
C GLN A 277 15.15 5.60 -2.20
N ASN A 278 14.30 6.44 -2.78
CA ASN A 278 13.31 7.16 -1.96
C ASN A 278 12.42 6.15 -1.21
N GLN A 279 12.04 5.05 -1.86
CA GLN A 279 11.25 4.01 -1.20
C GLN A 279 12.05 3.28 -0.08
N ALA A 280 13.31 2.99 -0.35
CA ALA A 280 14.19 2.39 0.67
C ALA A 280 14.38 3.36 1.86
N ASN A 281 14.65 4.64 1.58
CA ASN A 281 14.71 5.68 2.60
C ASN A 281 13.40 5.71 3.43
N LEU A 282 12.25 5.77 2.74
CA LEU A 282 10.97 5.78 3.43
C LEU A 282 10.81 4.53 4.32
N LEU A 283 11.11 3.35 3.77
CA LEU A 283 11.00 2.13 4.58
C LEU A 283 11.85 2.22 5.84
N SER A 284 13.06 2.80 5.72
CA SER A 284 13.99 2.89 6.85
C SER A 284 13.46 3.71 8.02
N LYS A 285 12.52 4.61 7.75
CA LYS A 285 11.85 5.36 8.82
C LYS A 285 10.94 4.45 9.67
N PHE A 286 10.62 3.24 9.19
CA PHE A 286 9.71 2.36 9.96
C PHE A 286 10.40 1.15 10.52
N THR A 287 11.53 0.81 9.95
CA THR A 287 12.24 -0.37 10.37
C THR A 287 13.70 -0.36 9.94
N LYS A 288 14.54 -1.10 10.66
CA LYS A 288 15.93 -1.25 10.28
C LYS A 288 16.28 -2.69 9.90
N LYS A 289 15.24 -3.53 9.72
CA LYS A 289 15.43 -4.90 9.24
C LYS A 289 14.40 -5.21 8.13
N VAL A 290 14.90 -5.65 7.00
CA VAL A 290 14.04 -5.96 5.87
C VAL A 290 14.42 -7.30 5.30
N TYR A 291 13.42 -8.17 5.25
CA TYR A 291 13.51 -9.41 4.51
C TYR A 291 13.01 -9.19 3.08
N ILE A 292 13.79 -9.61 2.10
CA ILE A 292 13.40 -9.38 0.71
C ILE A 292 12.98 -10.74 0.17
N LEU A 293 11.81 -10.75 -0.47
CA LEU A 293 11.22 -11.99 -0.92
C LEU A 293 10.72 -11.81 -2.32
N TYR A 294 11.59 -12.03 -3.29
CA TYR A 294 11.24 -11.84 -4.67
C TYR A 294 11.10 -13.24 -5.29
N ASP A 295 10.66 -13.30 -6.55
CA ASP A 295 10.47 -14.59 -7.22
C ASP A 295 11.73 -15.48 -7.20
N GLY A 296 11.52 -16.78 -7.11
CA GLY A 296 12.61 -17.74 -7.13
C GLY A 296 13.03 -18.06 -8.57
N ASP A 297 13.47 -17.04 -9.28
CA ASP A 297 14.10 -17.26 -10.58
C ASP A 297 15.23 -16.26 -10.76
N ASP A 298 15.89 -16.33 -11.91
CA ASP A 298 17.03 -15.49 -12.18
C ASP A 298 16.73 -14.00 -12.02
N ALA A 299 15.75 -13.51 -12.77
CA ALA A 299 15.32 -12.13 -12.69
C ALA A 299 14.96 -11.67 -11.27
N GLY A 300 14.31 -12.52 -10.49
CA GLY A 300 13.98 -12.19 -9.10
C GLY A 300 15.24 -12.04 -8.27
N ARG A 301 16.15 -12.97 -8.45
CA ARG A 301 17.44 -12.91 -7.78
C ARG A 301 18.20 -11.66 -8.18
N LYS A 302 18.23 -11.36 -9.49
CA LYS A 302 18.85 -10.11 -9.94
C LYS A 302 18.16 -8.83 -9.41
N ALA A 303 16.84 -8.86 -9.26
CA ALA A 303 16.12 -7.72 -8.70
C ALA A 303 16.41 -7.51 -7.22
N MET A 304 16.63 -8.60 -6.48
CA MET A 304 17.00 -8.54 -5.08
C MET A 304 18.38 -7.91 -4.97
N LYS A 305 19.29 -8.30 -5.86
CA LYS A 305 20.64 -7.72 -5.86
C LYS A 305 20.66 -6.23 -6.20
N SER A 306 19.82 -5.81 -7.14
CA SER A 306 19.69 -4.37 -7.40
C SER A 306 19.10 -3.57 -6.23
N ALA A 307 18.23 -4.20 -5.46
CA ALA A 307 17.52 -3.45 -4.40
C ALA A 307 18.34 -3.35 -3.10
N ILE A 308 19.20 -4.34 -2.88
CA ILE A 308 19.97 -4.46 -1.64
C ILE A 308 20.83 -3.24 -1.30
N PRO A 309 21.61 -2.72 -2.26
CA PRO A 309 22.40 -1.51 -1.99
C PRO A 309 21.54 -0.30 -1.62
N LEU A 310 20.34 -0.20 -2.18
CA LEU A 310 19.45 0.91 -1.78
C LEU A 310 19.05 0.76 -0.32
N LEU A 311 18.77 -0.47 0.09
CA LEU A 311 18.41 -0.75 1.49
C LEU A 311 19.61 -0.50 2.43
N LEU A 312 20.77 -1.04 2.04
CA LEU A 312 22.00 -0.81 2.81
C LEU A 312 22.28 0.69 3.00
N SER A 313 22.17 1.47 1.92
CA SER A 313 22.44 2.91 1.99
C SER A 313 21.51 3.61 2.97
N ALA A 314 20.27 3.12 3.05
CA ALA A 314 19.29 3.71 3.95
C ALA A 314 19.49 3.20 5.37
N GLY A 315 20.46 2.32 5.58
CA GLY A 315 20.86 1.89 6.92
C GLY A 315 20.02 0.73 7.45
N VAL A 316 19.49 -0.06 6.54
CA VAL A 316 18.71 -1.19 6.93
C VAL A 316 19.59 -2.45 6.85
N GLU A 317 19.40 -3.38 7.77
CA GLU A 317 19.98 -4.72 7.65
C GLU A 317 19.10 -5.57 6.76
N VAL A 318 19.72 -6.27 5.85
CA VAL A 318 18.99 -6.96 4.79
C VAL A 318 19.13 -8.47 4.97
N TYR A 319 17.99 -9.17 4.84
CA TYR A 319 17.89 -10.64 4.90
C TYR A 319 17.20 -11.18 3.65
N PRO A 320 17.98 -11.53 2.63
CA PRO A 320 17.40 -12.14 1.42
C PRO A 320 16.72 -13.47 1.70
N VAL A 321 15.54 -13.64 1.13
CA VAL A 321 14.82 -14.88 1.34
C VAL A 321 14.76 -15.49 -0.02
N TYR A 322 15.31 -16.69 -0.13
CA TYR A 322 15.39 -17.42 -1.38
C TYR A 322 14.29 -18.45 -1.48
N LEU A 323 13.31 -18.15 -2.31
CA LEU A 323 12.34 -19.14 -2.76
C LEU A 323 13.02 -20.16 -3.68
N PRO A 324 12.56 -21.41 -3.65
CA PRO A 324 13.09 -22.43 -4.56
C PRO A 324 12.77 -22.09 -6.02
N GLU A 325 13.63 -22.57 -6.92
CA GLU A 325 13.56 -22.23 -8.34
C GLU A 325 12.19 -22.45 -8.87
N GLY A 326 11.66 -21.43 -9.54
CA GLY A 326 10.37 -21.56 -10.18
C GLY A 326 9.16 -21.13 -9.38
N TYR A 327 9.35 -20.78 -8.10
CA TYR A 327 8.25 -20.38 -7.23
C TYR A 327 8.19 -18.87 -7.01
N ASP A 328 6.99 -18.29 -7.12
CA ASP A 328 6.78 -16.96 -6.57
C ASP A 328 6.10 -17.16 -5.21
N PRO A 329 5.95 -16.12 -4.39
CA PRO A 329 5.28 -16.29 -3.10
C PRO A 329 3.93 -17.04 -3.18
N ASP A 330 3.10 -16.72 -4.17
CA ASP A 330 1.78 -17.32 -4.34
C ASP A 330 1.87 -18.86 -4.46
N GLU A 331 2.72 -19.34 -5.37
CA GLU A 331 2.88 -20.77 -5.62
C GLU A 331 3.53 -21.49 -4.46
N PHE A 332 4.52 -20.84 -3.83
CA PHE A 332 5.10 -21.39 -2.60
C PHE A 332 4.04 -21.61 -1.52
N ILE A 333 3.23 -20.59 -1.26
CA ILE A 333 2.16 -20.71 -0.27
C ILE A 333 1.17 -21.78 -0.66
N LYS A 334 0.80 -21.85 -1.94
CA LYS A 334 -0.18 -22.87 -2.33
C LYS A 334 0.31 -24.30 -2.07
N GLU A 335 1.60 -24.54 -2.33
CA GLU A 335 2.13 -25.91 -2.26
C GLU A 335 2.52 -26.30 -0.84
N PHE A 336 3.14 -25.36 -0.13
CA PHE A 336 3.73 -25.63 1.18
C PHE A 336 2.98 -25.01 2.38
N GLY A 337 2.11 -24.04 2.12
CA GLY A 337 1.32 -23.43 3.20
C GLY A 337 1.96 -22.17 3.79
N LYS A 338 1.10 -21.28 4.30
CA LYS A 338 1.54 -20.02 4.89
C LYS A 338 2.56 -20.17 6.00
N GLU A 339 2.47 -21.23 6.78
CA GLU A 339 3.35 -21.36 7.93
C GLU A 339 4.77 -21.71 7.50
N GLU A 340 4.90 -22.55 6.48
CA GLU A 340 6.21 -22.82 5.92
C GLU A 340 6.86 -21.56 5.34
N LEU A 341 6.07 -20.66 4.74
CA LEU A 341 6.66 -19.41 4.24
C LEU A 341 7.21 -18.57 5.41
N ARG A 342 6.44 -18.49 6.49
CA ARG A 342 6.89 -17.81 7.71
C ARG A 342 8.20 -18.42 8.20
N ARG A 343 8.26 -19.76 8.21
CA ARG A 343 9.48 -20.43 8.61
C ARG A 343 10.66 -20.15 7.65
N LEU A 344 10.43 -20.19 6.34
CA LEU A 344 11.47 -19.87 5.35
C LEU A 344 12.07 -18.47 5.61
N ILE A 345 11.15 -17.53 5.84
CA ILE A 345 11.52 -16.16 6.05
C ILE A 345 12.40 -16.06 7.31
N ASN A 346 11.89 -16.62 8.42
CA ASN A 346 12.67 -16.69 9.65
C ASN A 346 14.05 -17.37 9.58
N SER A 347 14.13 -18.48 8.82
CA SER A 347 15.37 -19.25 8.66
C SER A 347 16.42 -18.56 7.77
N SER A 348 16.01 -17.49 7.09
CA SER A 348 16.87 -16.75 6.18
C SER A 348 17.93 -15.90 6.91
N GLY A 349 19.20 -16.17 6.63
CA GLY A 349 20.31 -15.45 7.27
C GLY A 349 20.50 -14.01 6.78
N GLU A 350 21.06 -13.17 7.64
CA GLU A 350 21.45 -11.81 7.29
C GLU A 350 22.48 -11.81 6.14
N LEU A 351 22.41 -10.80 5.27
CA LEU A 351 23.25 -10.71 4.08
C LEU A 351 24.75 -11.03 4.35
N PHE A 352 25.40 -10.26 5.22
CA PHE A 352 26.85 -10.36 5.37
C PHE A 352 27.26 -11.63 6.12
N GLU A 353 26.43 -12.01 7.09
CA GLU A 353 26.65 -13.23 7.82
C GLU A 353 26.55 -14.41 6.88
N THR A 354 25.59 -14.37 5.95
CA THR A 354 25.46 -15.39 4.91
C THR A 354 26.62 -15.41 3.89
N LEU A 355 27.07 -14.24 3.44
CA LEU A 355 28.29 -14.18 2.61
C LEU A 355 29.49 -14.78 3.34
N ILE A 356 29.71 -14.38 4.57
CA ILE A 356 30.80 -14.92 5.38
C ILE A 356 30.70 -16.45 5.51
N LYS A 357 29.48 -16.94 5.72
CA LYS A 357 29.24 -18.38 5.85
C LYS A 357 29.51 -19.17 4.56
N THR A 358 29.16 -18.57 3.41
CA THR A 358 29.19 -19.28 2.13
C THR A 358 30.34 -18.89 1.16
N ALA A 359 31.16 -17.92 1.53
CA ALA A 359 32.23 -17.47 0.64
C ALA A 359 33.09 -18.66 0.20
N ARG A 360 33.22 -19.64 1.11
CA ARG A 360 33.80 -20.96 0.83
C ARG A 360 33.43 -21.60 -0.52
N GLU A 361 32.24 -21.28 -1.03
CA GLU A 361 31.76 -21.85 -2.30
C GLU A 361 32.63 -21.41 -3.48
N ASN A 362 32.97 -20.12 -3.49
CA ASN A 362 33.63 -19.46 -4.61
C ASN A 362 34.31 -18.20 -4.09
N LEU A 363 35.43 -18.35 -3.42
CA LEU A 363 36.04 -17.21 -2.73
C LEU A 363 36.15 -15.99 -3.64
N GLU A 364 36.53 -16.23 -4.89
CA GLU A 364 36.69 -15.16 -5.89
C GLU A 364 35.41 -14.36 -6.09
N GLU A 365 34.32 -15.06 -6.41
CA GLU A 365 33.07 -14.39 -6.73
C GLU A 365 32.43 -13.82 -5.47
N LYS A 366 32.59 -14.53 -4.36
CA LYS A 366 31.94 -14.17 -3.10
C LYS A 366 32.64 -12.98 -2.45
N THR A 367 33.94 -12.86 -2.66
CA THR A 367 34.69 -11.71 -2.17
C THR A 367 34.22 -10.47 -2.92
N ARG A 368 33.99 -10.64 -4.24
CA ARG A 368 33.53 -9.54 -5.08
C ARG A 368 32.23 -8.97 -4.55
N GLU A 369 31.29 -9.87 -4.22
CA GLU A 369 29.97 -9.48 -3.75
C GLU A 369 30.09 -8.81 -2.39
N PHE A 370 30.79 -9.47 -1.48
CA PHE A 370 31.01 -8.95 -0.14
C PHE A 370 31.59 -7.54 -0.15
N ARG A 371 32.67 -7.33 -0.90
CA ARG A 371 33.31 -6.03 -0.94
C ARG A 371 32.40 -5.01 -1.62
N TYR A 372 31.66 -5.43 -2.64
CA TYR A 372 30.65 -4.57 -3.26
C TYR A 372 29.54 -4.15 -2.26
N TYR A 373 28.91 -5.09 -1.58
CA TYR A 373 27.86 -4.71 -0.63
C TYR A 373 28.39 -3.87 0.52
N LEU A 374 29.58 -4.24 0.99
CA LEU A 374 30.26 -3.48 2.04
C LEU A 374 30.34 -1.99 1.77
N GLY A 375 30.46 -1.62 0.49
CA GLY A 375 30.64 -0.23 0.10
C GLY A 375 29.39 0.63 0.26
N PHE A 376 28.28 0.02 0.71
CA PHE A 376 27.02 0.76 0.90
C PHE A 376 26.66 0.96 2.38
N ILE A 377 27.51 0.42 3.25
CA ILE A 377 27.37 0.55 4.70
C ILE A 377 27.86 1.92 5.12
N SER A 378 26.99 2.73 5.71
CA SER A 378 27.45 4.06 6.16
C SER A 378 28.07 4.01 7.56
N ASP A 379 27.70 3.00 8.35
CA ASP A 379 28.28 2.77 9.66
C ASP A 379 29.69 2.15 9.54
N GLY A 380 30.72 2.99 9.57
CA GLY A 380 32.10 2.55 9.46
C GLY A 380 32.57 1.55 10.50
N VAL A 381 32.03 1.67 11.72
CA VAL A 381 32.35 0.74 12.79
C VAL A 381 31.88 -0.68 12.41
N ARG A 382 30.61 -0.78 12.01
CA ARG A 382 30.04 -2.02 11.51
C ARG A 382 30.77 -2.49 10.25
N ARG A 383 30.99 -1.55 9.32
CA ARG A 383 31.74 -1.88 8.11
C ARG A 383 33.02 -2.63 8.46
N PHE A 384 33.82 -2.04 9.37
CA PHE A 384 35.13 -2.58 9.74
C PHE A 384 35.09 -3.97 10.35
N ALA A 385 34.11 -4.18 11.24
CA ALA A 385 33.91 -5.46 11.92
C ALA A 385 33.59 -6.54 10.92
N LEU A 386 32.79 -6.18 9.91
CA LEU A 386 32.45 -7.12 8.86
C LEU A 386 33.68 -7.43 8.01
N ALA A 387 34.45 -6.40 7.66
CA ALA A 387 35.68 -6.62 6.91
C ALA A 387 36.64 -7.48 7.71
N SER A 388 36.78 -7.18 9.00
CA SER A 388 37.70 -7.93 9.86
C SER A 388 37.37 -9.41 9.90
N GLU A 389 36.08 -9.73 10.05
CA GLU A 389 35.62 -11.11 10.14
C GLU A 389 35.97 -11.90 8.87
N PHE A 390 35.68 -11.29 7.71
CA PHE A 390 35.97 -11.90 6.41
C PHE A 390 37.49 -12.08 6.21
N HIS A 391 38.27 -11.05 6.54
CA HIS A 391 39.72 -11.09 6.47
C HIS A 391 40.29 -12.24 7.34
N THR A 392 39.84 -12.28 8.60
CA THR A 392 40.25 -13.31 9.55
C THR A 392 39.97 -14.68 8.98
N LYS A 393 38.72 -14.88 8.60
CA LYS A 393 38.29 -16.14 8.03
C LYS A 393 38.99 -16.48 6.68
N TYR A 394 38.93 -15.64 5.62
CA TYR A 394 39.43 -16.10 4.30
C TYR A 394 40.81 -15.54 3.87
N LYS A 395 41.43 -14.76 4.75
CA LYS A 395 42.77 -14.20 4.55
C LYS A 395 42.86 -13.16 3.43
N VAL A 396 41.72 -12.66 2.98
CA VAL A 396 41.69 -11.63 1.96
C VAL A 396 42.13 -10.31 2.60
N PRO A 397 43.14 -9.64 2.01
CA PRO A 397 43.72 -8.44 2.61
C PRO A 397 42.68 -7.34 2.85
N MET A 398 42.79 -6.69 4.01
CA MET A 398 41.87 -5.64 4.39
C MET A 398 41.71 -4.55 3.31
N GLU A 399 42.77 -4.32 2.55
CA GLU A 399 42.78 -3.29 1.53
C GLU A 399 42.03 -3.71 0.26
N ILE A 400 41.89 -5.02 0.04
CA ILE A 400 41.02 -5.54 -1.03
C ILE A 400 39.54 -5.36 -0.64
N LEU A 401 39.21 -5.79 0.58
CA LEU A 401 37.87 -5.70 1.12
C LEU A 401 37.34 -4.27 1.27
N LEU A 402 38.22 -3.34 1.61
CA LEU A 402 37.81 -1.94 1.79
C LEU A 402 37.91 -1.14 0.48
N MET A 403 38.22 -1.84 -0.62
CA MET A 403 38.34 -1.25 -1.96
C MET A 403 39.34 -0.09 -2.00
N LYS A 404 40.43 -0.24 -1.25
CA LYS A 404 41.55 0.70 -1.23
C LYS A 404 42.44 0.50 -2.45
N ILE A 405 42.48 1.49 -3.33
CA ILE A 405 43.17 1.41 -4.62
C ILE A 405 44.68 1.63 -4.50
#